data_7JTC
#
_entry.id   7JTC
#
_cell.length_a   46.600
_cell.length_b   56.890
_cell.length_c   59.280
_cell.angle_alpha   90.000
_cell.angle_beta   90.000
_cell.angle_gamma   90.000
#
_symmetry.space_group_name_H-M   'P 21 21 21'
#
loop_
_entity.id
_entity.type
_entity.pdbx_description
1 polymer 'Transcription initiation factor TFIID subunit 1'
2 non-polymer 1-{6-[(3R)-3-methylmorpholin-4-yl]-2-(methylsulfanyl)pyrimidin-4-yl}cyclopropane-1-sulfonimidoamide
3 non-polymer 1,2-ETHANEDIOL
4 water water
#
_entity_poly.entity_id   1
_entity_poly.type   'polypeptide(L)'
_entity_poly.pdbx_seq_one_letter_code
;SMDDDQVAFSFILDNIVTQKMMAVPDSWPFHHPVNKKFVPDYYKVIVNPMDLETIRKNISKHKYQSRESFLDDVNLILAN
SVKYNGPESQYTKTAQEIVNVCYQTLTEYDEHLTQLEKDICTAKEAALEEAELESLD
;
_entity_poly.pdbx_strand_id   A
#
# COMPACT_ATOMS: atom_id res chain seq x y z
N ASP A 3 -5.45 -13.01 -11.94
CA ASP A 3 -4.96 -14.38 -11.73
C ASP A 3 -3.43 -14.39 -11.78
N ASP A 4 -2.87 -14.87 -12.89
CA ASP A 4 -1.43 -14.69 -13.17
C ASP A 4 -1.10 -13.20 -13.14
N ASP A 5 -2.06 -12.38 -13.60
CA ASP A 5 -1.88 -10.93 -13.60
C ASP A 5 -1.84 -10.36 -12.19
N GLN A 6 -2.66 -10.92 -11.29
CA GLN A 6 -2.65 -10.46 -9.89
C GLN A 6 -1.29 -10.67 -9.26
N VAL A 7 -0.61 -11.76 -9.63
CA VAL A 7 0.69 -12.07 -9.04
C VAL A 7 1.73 -11.05 -9.51
N ALA A 8 1.76 -10.77 -10.81
CA ALA A 8 2.67 -9.77 -11.34
C ALA A 8 2.42 -8.39 -10.73
N PHE A 9 1.15 -8.00 -10.60
CA PHE A 9 0.80 -6.72 -9.99
C PHE A 9 1.37 -6.63 -8.58
N SER A 10 1.17 -7.69 -7.79
CA SER A 10 1.63 -7.70 -6.40
C SER A 10 3.16 -7.68 -6.31
N PHE A 11 3.85 -8.34 -7.24
CA PHE A 11 5.30 -8.28 -7.24
C PHE A 11 5.77 -6.86 -7.50
N ILE A 12 5.20 -6.18 -8.51
CA ILE A 12 5.56 -4.80 -8.78
C ILE A 12 5.37 -3.93 -7.53
N LEU A 13 4.19 -4.01 -6.90
CA LEU A 13 3.93 -3.21 -5.72
C LEU A 13 4.93 -3.52 -4.62
N ASP A 14 5.24 -4.80 -4.41
CA ASP A 14 6.16 -5.14 -3.32
C ASP A 14 7.55 -4.59 -3.59
N ASN A 15 7.98 -4.61 -4.85
CA ASN A 15 9.30 -4.07 -5.14
C ASN A 15 9.30 -2.55 -5.06
N ILE A 16 8.18 -1.90 -5.35
CA ILE A 16 8.11 -0.48 -5.07
C ILE A 16 8.31 -0.21 -3.58
N VAL A 17 7.68 -1.03 -2.73
CA VAL A 17 7.78 -0.82 -1.29
C VAL A 17 9.19 -1.11 -0.80
N THR A 18 9.73 -2.27 -1.14
CA THR A 18 11.04 -2.64 -0.59
C THR A 18 12.17 -1.85 -1.24
N GLN A 19 12.10 -1.61 -2.54
CA GLN A 19 13.27 -1.05 -3.24
C GLN A 19 13.22 0.48 -3.34
N LYS A 20 12.06 1.10 -3.22
CA LYS A 20 11.94 2.56 -3.35
C LYS A 20 11.50 3.21 -2.05
N MET A 21 10.35 2.81 -1.51
CA MET A 21 9.80 3.48 -0.34
C MET A 21 10.63 3.22 0.91
N MET A 22 10.98 1.96 1.15
CA MET A 22 11.80 1.63 2.30
C MET A 22 13.23 2.15 2.17
N ALA A 23 13.65 2.55 0.98
CA ALA A 23 14.99 3.10 0.77
C ALA A 23 15.06 4.61 1.00
N VAL A 24 13.93 5.27 1.24
CA VAL A 24 14.00 6.70 1.55
C VAL A 24 14.84 6.89 2.80
N PRO A 25 15.79 7.82 2.81
CA PRO A 25 16.62 8.06 4.00
C PRO A 25 15.80 8.25 5.26
N ASP A 26 16.22 7.58 6.34
CA ASP A 26 15.60 7.68 7.66
C ASP A 26 14.13 7.29 7.63
N SER A 27 13.76 6.35 6.78
CA SER A 27 12.34 5.95 6.76
C SER A 27 12.01 4.90 7.81
N TRP A 28 12.96 4.56 8.71
CA TRP A 28 12.74 3.53 9.73
C TRP A 28 11.45 3.69 10.55
N PRO A 29 10.95 4.88 10.90
CA PRO A 29 9.75 4.92 11.74
C PRO A 29 8.53 4.33 11.05
N PHE A 30 8.54 4.22 9.72
CA PHE A 30 7.40 3.74 8.96
C PHE A 30 7.58 2.33 8.43
N HIS A 31 8.68 1.65 8.79
CA HIS A 31 8.93 0.31 8.28
C HIS A 31 8.04 -0.77 8.91
N HIS A 32 7.61 -0.60 10.16
CA HIS A 32 6.94 -1.65 10.93
C HIS A 32 5.87 -1.02 11.78
N PRO A 33 4.92 -1.80 12.30
CA PRO A 33 3.93 -1.24 13.22
C PRO A 33 4.59 -0.69 14.47
N VAL A 34 4.01 0.39 15.01
CA VAL A 34 4.50 0.96 16.26
C VAL A 34 4.29 -0.03 17.41
N ASN A 35 5.32 -0.21 18.24
CA ASN A 35 5.26 -1.08 19.41
C ASN A 35 4.74 -0.28 20.60
N LYS A 36 3.59 -0.68 21.13
CA LYS A 36 2.96 0.02 22.24
C LYS A 36 3.90 0.14 23.45
N LYS A 37 4.82 -0.81 23.60
CA LYS A 37 5.74 -0.77 24.74
C LYS A 37 6.79 0.32 24.58
N PHE A 38 7.06 0.78 23.36
CA PHE A 38 8.03 1.84 23.11
C PHE A 38 7.40 3.21 22.93
N VAL A 39 6.20 3.27 22.34
CA VAL A 39 5.45 4.51 22.19
C VAL A 39 4.09 4.31 22.84
N PRO A 40 3.96 4.50 24.16
CA PRO A 40 2.70 4.11 24.83
C PRO A 40 1.47 4.93 24.40
N ASP A 41 1.63 6.16 23.91
CA ASP A 41 0.49 7.00 23.51
C ASP A 41 -0.07 6.67 22.14
N TYR A 42 0.65 5.88 21.35
CA TYR A 42 0.43 5.90 19.90
C TYR A 42 -0.99 5.50 19.53
N TYR A 43 -1.44 4.35 20.03
CA TYR A 43 -2.72 3.83 19.61
C TYR A 43 -3.90 4.51 20.29
N LYS A 44 -3.68 5.30 21.33
CA LYS A 44 -4.74 6.17 21.84
C LYS A 44 -5.04 7.29 20.84
N VAL A 45 -4.06 7.69 20.04
CA VAL A 45 -4.19 8.80 19.09
C VAL A 45 -4.53 8.28 17.69
N ILE A 46 -3.84 7.24 17.25
CA ILE A 46 -3.92 6.74 15.88
C ILE A 46 -4.88 5.57 15.87
N VAL A 47 -6.07 5.77 15.29
CA VAL A 47 -7.14 4.78 15.28
C VAL A 47 -7.05 3.79 14.11
N ASN A 48 -6.50 4.21 12.96
CA ASN A 48 -6.32 3.32 11.81
C ASN A 48 -4.82 3.26 11.49
N PRO A 49 -4.05 2.51 12.27
CA PRO A 49 -2.60 2.50 12.04
C PRO A 49 -2.25 1.84 10.71
N MET A 50 -1.05 2.16 10.22
CA MET A 50 -0.60 1.63 8.94
C MET A 50 0.91 1.83 8.86
N ASP A 51 1.58 0.92 8.16
CA ASP A 51 3.03 0.96 8.07
C ASP A 51 3.43 0.12 6.86
N LEU A 52 4.69 0.23 6.45
CA LEU A 52 5.13 -0.43 5.21
C LEU A 52 5.15 -1.95 5.33
N GLU A 53 5.43 -2.49 6.52
CA GLU A 53 5.35 -3.95 6.68
C GLU A 53 3.93 -4.46 6.47
N THR A 54 2.95 -3.77 7.05
CA THR A 54 1.55 -4.18 6.89
C THR A 54 1.12 -4.14 5.42
N ILE A 55 1.57 -3.12 4.69
CA ILE A 55 1.27 -3.06 3.26
C ILE A 55 1.86 -4.26 2.53
N ARG A 56 3.11 -4.62 2.86
CA ARG A 56 3.69 -5.81 2.23
C ARG A 56 2.85 -7.05 2.51
N LYS A 57 2.37 -7.18 3.75
CA LYS A 57 1.54 -8.36 4.07
C LYS A 57 0.22 -8.31 3.32
N ASN A 58 -0.36 -7.12 3.19
CA ASN A 58 -1.58 -6.97 2.40
C ASN A 58 -1.33 -7.33 0.94
N ILE A 59 -0.20 -6.87 0.39
CA ILE A 59 0.20 -7.22 -0.97
C ILE A 59 0.29 -8.74 -1.13
N SER A 60 0.98 -9.41 -0.20
CA SER A 60 1.11 -10.87 -0.32
C SER A 60 -0.24 -11.56 -0.20
N LYS A 61 -1.19 -10.95 0.49
CA LYS A 61 -2.55 -11.48 0.52
C LYS A 61 -3.37 -11.05 -0.70
N HIS A 62 -2.76 -10.33 -1.64
CA HIS A 62 -3.45 -9.85 -2.85
C HIS A 62 -4.63 -8.94 -2.48
N LYS A 63 -4.47 -8.15 -1.42
CA LYS A 63 -5.49 -7.17 -1.05
C LYS A 63 -5.74 -6.16 -2.16
N TYR A 64 -4.69 -5.81 -2.92
CA TYR A 64 -4.73 -4.65 -3.81
C TYR A 64 -4.94 -5.13 -5.25
N GLN A 65 -6.12 -4.81 -5.80
CA GLN A 65 -6.45 -5.11 -7.20
C GLN A 65 -6.17 -3.93 -8.12
N SER A 66 -5.83 -2.78 -7.56
CA SER A 66 -5.59 -1.59 -8.36
C SER A 66 -4.71 -0.68 -7.53
N ARG A 67 -4.10 0.30 -8.21
CA ARG A 67 -3.26 1.27 -7.51
C ARG A 67 -4.05 2.04 -6.45
N GLU A 68 -5.36 2.21 -6.65
CA GLU A 68 -6.15 3.07 -5.78
C GLU A 68 -6.17 2.55 -4.33
N SER A 69 -6.48 1.27 -4.13
CA SER A 69 -6.53 0.79 -2.74
C SER A 69 -5.15 0.72 -2.14
N PHE A 70 -4.14 0.47 -2.97
CA PHE A 70 -2.76 0.55 -2.51
C PHE A 70 -2.44 1.96 -2.03
N LEU A 71 -2.80 2.95 -2.83
CA LEU A 71 -2.49 4.33 -2.47
C LEU A 71 -3.34 4.83 -1.29
N ASP A 72 -4.54 4.26 -1.09
CA ASP A 72 -5.29 4.53 0.14
C ASP A 72 -4.45 4.22 1.38
N ASP A 73 -3.80 3.05 1.39
CA ASP A 73 -3.03 2.64 2.57
C ASP A 73 -1.74 3.42 2.69
N VAL A 74 -1.07 3.70 1.56
CA VAL A 74 0.16 4.50 1.60
C VAL A 74 -0.14 5.90 2.13
N ASN A 75 -1.26 6.49 1.69
CA ASN A 75 -1.62 7.81 2.18
C ASN A 75 -2.01 7.80 3.66
N LEU A 76 -2.51 6.67 4.17
CA LEU A 76 -2.82 6.59 5.59
C LEU A 76 -1.55 6.72 6.43
N ILE A 77 -0.41 6.25 5.93
CA ILE A 77 0.84 6.45 6.63
C ILE A 77 1.10 7.94 6.81
N LEU A 78 0.99 8.71 5.71
CA LEU A 78 1.21 10.15 5.76
C LEU A 78 0.19 10.82 6.68
N ALA A 79 -1.09 10.47 6.55
CA ALA A 79 -2.11 11.13 7.37
C ALA A 79 -1.86 10.88 8.86
N ASN A 80 -1.41 9.67 9.21
CA ASN A 80 -1.14 9.34 10.61
C ASN A 80 0.06 10.12 11.15
N SER A 81 1.11 10.30 10.33
CA SER A 81 2.22 11.14 10.75
C SER A 81 1.77 12.58 10.97
N VAL A 82 0.94 13.10 10.07
CA VAL A 82 0.41 14.46 10.25
C VAL A 82 -0.32 14.58 11.59
N LYS A 83 -1.14 13.58 11.94
CA LYS A 83 -1.92 13.66 13.19
C LYS A 83 -1.04 13.50 14.43
N TYR A 84 -0.16 12.50 14.44
CA TYR A 84 0.63 12.23 15.65
C TYR A 84 1.83 13.15 15.78
N ASN A 85 2.50 13.46 14.68
CA ASN A 85 3.74 14.22 14.72
C ASN A 85 3.59 15.69 14.32
N GLY A 86 2.56 16.04 13.55
CA GLY A 86 2.36 17.41 13.16
C GLY A 86 2.69 17.59 11.71
N PRO A 87 2.02 18.52 11.04
CA PRO A 87 2.22 18.68 9.59
C PRO A 87 3.62 19.13 9.22
N GLU A 88 4.32 19.85 10.11
CA GLU A 88 5.62 20.43 9.79
C GLU A 88 6.80 19.62 10.34
N SER A 89 6.53 18.47 10.94
CA SER A 89 7.57 17.70 11.62
C SER A 89 8.48 16.97 10.63
N GLN A 90 9.69 16.69 11.08
CA GLN A 90 10.62 15.95 10.22
C GLN A 90 10.11 14.54 9.93
N TYR A 91 9.40 13.91 10.89
CA TYR A 91 8.80 12.62 10.59
C TYR A 91 7.82 12.73 9.42
N THR A 92 7.03 13.81 9.39
CA THR A 92 6.05 13.96 8.32
C THR A 92 6.74 14.28 7.00
N LYS A 93 7.79 15.10 7.04
CA LYS A 93 8.63 15.30 5.86
C LYS A 93 9.08 13.97 5.26
N THR A 94 9.50 13.04 6.12
CA THR A 94 9.96 11.74 5.62
C THR A 94 8.82 10.94 5.03
N ALA A 95 7.67 10.90 5.72
CA ALA A 95 6.51 10.21 5.17
C ALA A 95 6.07 10.81 3.84
N GLN A 96 6.21 12.12 3.68
CA GLN A 96 5.80 12.75 2.43
C GLN A 96 6.74 12.34 1.29
N GLU A 97 8.04 12.21 1.60
CA GLU A 97 8.98 11.70 0.61
C GLU A 97 8.66 10.26 0.25
N ILE A 98 8.23 9.45 1.23
CA ILE A 98 7.85 8.08 0.95
C ILE A 98 6.67 8.04 0.00
N VAL A 99 5.69 8.93 0.19
CA VAL A 99 4.52 8.99 -0.68
C VAL A 99 4.93 9.41 -2.08
N ASN A 100 5.78 10.43 -2.18
CA ASN A 100 6.22 10.94 -3.49
C ASN A 100 6.99 9.91 -4.30
N VAL A 101 7.88 9.14 -3.67
CA VAL A 101 8.65 8.16 -4.43
C VAL A 101 7.72 7.07 -4.92
N CYS A 102 6.71 6.74 -4.10
CA CYS A 102 5.68 5.79 -4.51
C CYS A 102 4.95 6.29 -5.75
N TYR A 103 4.42 7.51 -5.69
CA TYR A 103 3.80 8.13 -6.87
C TYR A 103 4.76 8.09 -8.07
N GLN A 104 6.00 8.52 -7.87
CA GLN A 104 6.93 8.64 -8.99
C GLN A 104 7.16 7.29 -9.64
N THR A 105 7.34 6.25 -8.82
CA THR A 105 7.63 4.93 -9.35
C THR A 105 6.42 4.34 -10.05
N LEU A 106 5.23 4.50 -9.47
CA LEU A 106 4.03 4.02 -10.15
C LEU A 106 3.89 4.66 -11.51
N THR A 107 4.23 5.95 -11.62
CA THR A 107 4.11 6.64 -12.89
C THR A 107 5.06 6.05 -13.93
N GLU A 108 6.28 5.68 -13.51
CA GLU A 108 7.22 5.04 -14.43
C GLU A 108 6.60 3.82 -15.08
N TYR A 109 5.79 3.08 -14.33
CA TYR A 109 5.23 1.81 -14.76
C TYR A 109 3.75 1.93 -15.06
N ASP A 110 3.30 3.15 -15.41
CA ASP A 110 1.88 3.38 -15.58
C ASP A 110 1.31 2.48 -16.66
N GLU A 111 1.98 2.42 -17.82
CA GLU A 111 1.43 1.68 -18.95
C GLU A 111 1.25 0.20 -18.62
N HIS A 112 2.28 -0.42 -18.01
CA HIS A 112 2.18 -1.82 -17.63
C HIS A 112 1.16 -2.03 -16.53
N LEU A 113 1.14 -1.15 -15.53
CA LEU A 113 0.24 -1.32 -14.40
C LEU A 113 -1.21 -1.13 -14.82
N THR A 114 -1.46 -0.25 -15.79
CA THR A 114 -2.82 -0.09 -16.28
C THR A 114 -3.30 -1.35 -16.98
N GLN A 115 -2.46 -1.95 -17.81
CA GLN A 115 -2.78 -3.25 -18.41
C GLN A 115 -3.16 -4.27 -17.35
N LEU A 116 -2.31 -4.42 -16.32
CA LEU A 116 -2.56 -5.41 -15.28
C LEU A 116 -3.89 -5.16 -14.58
N GLU A 117 -4.15 -3.91 -14.20
CA GLU A 117 -5.40 -3.60 -13.51
C GLU A 117 -6.61 -3.98 -14.36
N LYS A 118 -6.55 -3.67 -15.67
CA LYS A 118 -7.64 -4.03 -16.58
C LYS A 118 -7.85 -5.53 -16.62
N ASP A 119 -6.76 -6.29 -16.81
CA ASP A 119 -6.89 -7.74 -16.92
C ASP A 119 -7.21 -8.38 -15.58
N ILE A 120 -6.77 -7.78 -14.47
CA ILE A 120 -7.15 -8.30 -13.15
C ILE A 120 -8.65 -8.17 -12.95
N CYS A 121 -9.21 -7.03 -13.38
CA CYS A 121 -10.61 -6.76 -13.16
C CYS A 121 -11.49 -7.62 -14.06
N THR A 122 -11.10 -7.77 -15.34
CA THR A 122 -11.84 -8.65 -16.22
C THR A 122 -11.70 -10.11 -15.80
N ALA A 123 -10.55 -10.49 -15.22
CA ALA A 123 -10.41 -11.83 -14.68
C ALA A 123 -11.31 -12.06 -13.46
N LYS A 124 -11.36 -11.09 -12.54
CA LYS A 124 -12.19 -11.26 -11.35
C LYS A 124 -13.68 -11.28 -11.71
N GLU A 125 -14.08 -10.48 -12.71
CA GLU A 125 -15.47 -10.55 -13.16
C GLU A 125 -15.80 -11.90 -13.78
N ALA A 126 -14.86 -12.47 -14.54
CA ALA A 126 -15.08 -13.80 -15.10
C ALA A 126 -15.24 -14.84 -14.00
N ALA A 127 -14.42 -14.75 -12.95
CA ALA A 127 -14.54 -15.68 -11.83
C ALA A 127 -15.84 -15.49 -11.07
N LEU A 128 -16.26 -14.23 -10.85
CA LEU A 128 -17.48 -13.97 -10.09
C LEU A 128 -18.72 -14.36 -10.89
N GLU A 129 -18.73 -14.07 -12.20
CA GLU A 129 -19.89 -14.40 -13.03
C GLU A 129 -20.07 -15.92 -13.12
N GLU A 130 -18.96 -16.66 -13.24
CA GLU A 130 -19.07 -18.11 -13.31
C GLU A 130 -19.40 -18.73 -11.96
N ALA A 131 -18.95 -18.13 -10.87
CA ALA A 131 -19.34 -18.61 -9.54
C ALA A 131 -20.85 -18.52 -9.35
N GLU A 132 -21.46 -17.44 -9.85
CA GLU A 132 -22.90 -17.28 -9.72
C GLU A 132 -23.65 -18.21 -10.67
N LEU A 133 -23.17 -18.36 -11.91
CA LEU A 133 -23.77 -19.30 -12.83
C LEU A 133 -23.69 -20.73 -12.29
N GLU A 134 -22.53 -21.11 -11.72
CA GLU A 134 -22.39 -22.44 -11.15
C GLU A 134 -23.31 -22.65 -9.94
N SER A 135 -23.52 -21.59 -9.13
CA SER A 135 -24.30 -21.74 -7.92
C SER A 135 -25.79 -21.93 -8.21
N LEU A 136 -26.30 -21.30 -9.26
CA LEU A 136 -27.71 -21.44 -9.64
C LEU A 136 -27.94 -22.52 -10.68
N ASP A 137 -26.92 -23.34 -10.98
CA ASP A 137 -27.01 -24.24 -12.11
C ASP A 137 -26.05 -25.43 -12.00
#